data_8EKD
#
_entry.id   8EKD
#
_cell.length_a   1.00
_cell.length_b   1.00
_cell.length_c   1.00
_cell.angle_alpha   90.00
_cell.angle_beta   90.00
_cell.angle_gamma   90.00
#
_symmetry.space_group_name_H-M   'P 1'
#
loop_
_entity.id
_entity.type
_entity.pdbx_description
1 polymer 'Fab LLNL-199 HC'
2 polymer 'Fab LLNL-199 LC'
3 polymer "Spike protein S2'"
4 non-polymer 2-acetamido-2-deoxy-beta-D-glucopyranose
#
loop_
_entity_poly.entity_id
_entity_poly.type
_entity_poly.pdbx_seq_one_letter_code
_entity_poly.pdbx_strand_id
1 'polypeptide(L)'
;EVQLVESGGGLVKPGGSLRLSCAASGFTFRDVWMSWVRQAPGKGLEWVGRIKSKIDGGTTDYAAPVKGRFTISRDDSKNT
LYLQMNSLKTEDTAVYYCTTAGSYYYDTVGPELPEGKFDYWGQGTLVTVSS
;
E
2 'polypeptide(L)'
;DIVMTQSPDSLAVSLGERATINCKSSQSVLYAANNKNYLAWYQQKPGQPPKLLMYWASERESGVPDRFSGSGSGAEFTLT
ISSLQAEDVAIYYCQQYYSTLTFGGGTKVEIKR
;
F
3 'polypeptide(L)'
;TNLCPFDEVFNATRFASVYAWNRKRISNCVADYSVLYNFAPFFAFKCYGVSPTKLNDLCFTNVYADSFVIRGNEVSQIAP
GQTGNIADYNYKLPDDFTGCVIAWNSNKLDSKVGGNYNYLYRLFRKSNLKPFERDISTEIYQAGNKPCNGVAGFNCYFPL
RSYGFRPTYGVGHQPYRVVVLSFE
;
G
#
# COMPACT_ATOMS: atom_id res chain seq x y z
N GLU A 1 -23.09 -4.28 -0.66
CA GLU A 1 -22.40 -5.36 -1.35
C GLU A 1 -21.67 -4.82 -2.59
N VAL A 2 -20.44 -5.29 -2.79
CA VAL A 2 -19.61 -4.87 -3.91
C VAL A 2 -19.80 -5.84 -5.07
N GLN A 3 -19.70 -5.32 -6.29
CA GLN A 3 -19.75 -6.14 -7.48
C GLN A 3 -18.98 -5.44 -8.59
N LEU A 4 -18.30 -6.23 -9.42
CA LEU A 4 -17.53 -5.71 -10.54
C LEU A 4 -17.88 -6.52 -11.78
N VAL A 5 -18.49 -5.85 -12.77
CA VAL A 5 -18.84 -6.47 -14.04
C VAL A 5 -18.46 -5.53 -15.17
N GLU A 6 -18.31 -6.09 -16.36
CA GLU A 6 -18.01 -5.34 -17.58
C GLU A 6 -18.95 -5.77 -18.69
N SER A 7 -19.08 -4.89 -19.69
CA SER A 7 -19.90 -5.19 -20.86
C SER A 7 -19.42 -4.36 -22.03
N GLY A 8 -19.83 -4.77 -23.23
CA GLY A 8 -19.51 -4.06 -24.45
C GLY A 8 -18.63 -4.80 -25.44
N GLY A 9 -18.26 -6.06 -25.18
CA GLY A 9 -17.42 -6.79 -26.10
C GLY A 9 -18.17 -7.25 -27.34
N GLY A 10 -17.40 -7.58 -28.36
CA GLY A 10 -17.98 -8.07 -29.61
C GLY A 10 -16.91 -8.20 -30.66
N LEU A 11 -17.35 -8.66 -31.84
CA LEU A 11 -16.44 -8.82 -32.97
C LEU A 11 -16.24 -7.47 -33.66
N VAL A 12 -14.99 -7.20 -34.05
CA VAL A 12 -14.63 -5.94 -34.68
C VAL A 12 -13.51 -6.18 -35.67
N LYS A 13 -13.58 -5.50 -36.81
CA LYS A 13 -12.50 -5.58 -37.80
C LYS A 13 -11.28 -4.83 -37.29
N PRO A 14 -10.07 -5.35 -37.54
CA PRO A 14 -8.86 -4.65 -37.08
C PRO A 14 -8.73 -3.28 -37.73
N GLY A 15 -8.15 -2.35 -36.97
CA GLY A 15 -7.92 -1.00 -37.44
C GLY A 15 -8.89 0.03 -36.90
N GLY A 16 -9.97 -0.39 -36.25
CA GLY A 16 -10.97 0.54 -35.74
C GLY A 16 -10.55 1.18 -34.43
N SER A 17 -11.53 1.83 -33.80
CA SER A 17 -11.32 2.48 -32.52
C SER A 17 -12.62 2.49 -31.74
N LEU A 18 -12.57 2.14 -30.47
CA LEU A 18 -13.75 2.10 -29.61
C LEU A 18 -13.30 2.15 -28.17
N ARG A 19 -14.27 2.07 -27.25
CA ARG A 19 -14.00 2.14 -25.82
C ARG A 19 -14.75 1.02 -25.11
N LEU A 20 -14.21 0.61 -23.96
CA LEU A 20 -14.78 -0.45 -23.15
C LEU A 20 -14.95 0.05 -21.73
N SER A 21 -15.95 -0.50 -21.02
CA SER A 21 -16.33 0.00 -19.71
C SER A 21 -16.52 -1.15 -18.73
N CYS A 22 -16.47 -0.79 -17.44
CA CYS A 22 -16.70 -1.72 -16.33
C CYS A 22 -17.61 -1.07 -15.31
N ALA A 23 -18.33 -1.88 -14.55
CA ALA A 23 -19.32 -1.41 -13.59
C ALA A 23 -18.88 -1.76 -12.17
N ALA A 24 -18.94 -0.77 -11.28
CA ALA A 24 -18.53 -0.95 -9.89
C ALA A 24 -19.55 -0.31 -8.96
N SER A 25 -19.62 -0.82 -7.74
CA SER A 25 -20.50 -0.26 -6.72
C SER A 25 -20.17 -0.92 -5.39
N GLY A 26 -20.67 -0.30 -4.31
CA GLY A 26 -20.57 -0.88 -2.98
C GLY A 26 -19.28 -0.61 -2.23
N PHE A 27 -18.36 0.16 -2.79
CA PHE A 27 -17.09 0.40 -2.13
C PHE A 27 -16.58 1.79 -2.47
N THR A 28 -15.60 2.24 -1.70
CA THR A 28 -15.01 3.57 -1.91
C THR A 28 -14.14 3.57 -3.16
N PHE A 29 -14.73 3.96 -4.29
CA PHE A 29 -14.03 3.87 -5.56
C PHE A 29 -12.88 4.86 -5.63
N ARG A 30 -13.03 6.04 -5.04
CA ARG A 30 -12.07 7.12 -5.24
C ARG A 30 -10.69 6.77 -4.68
N ASP A 31 -10.65 6.17 -3.49
CA ASP A 31 -9.37 5.97 -2.82
C ASP A 31 -8.53 4.89 -3.50
N VAL A 32 -9.17 3.80 -3.92
CA VAL A 32 -8.43 2.64 -4.41
C VAL A 32 -7.74 2.96 -5.74
N TRP A 33 -6.61 2.30 -5.99
CA TRP A 33 -5.93 2.36 -7.28
C TRP A 33 -6.44 1.24 -8.19
N MET A 34 -7.64 1.44 -8.73
CA MET A 34 -8.19 0.43 -9.63
C MET A 34 -7.39 0.35 -10.92
N SER A 35 -7.39 -0.83 -11.53
CA SER A 35 -6.63 -1.07 -12.75
C SER A 35 -7.41 -2.04 -13.63
N TRP A 36 -6.92 -2.24 -14.85
CA TRP A 36 -7.56 -3.14 -15.79
C TRP A 36 -6.54 -4.15 -16.32
N VAL A 37 -6.93 -5.42 -16.32
CA VAL A 37 -6.11 -6.50 -16.84
C VAL A 37 -6.90 -7.22 -17.92
N ARG A 38 -6.17 -7.85 -18.85
CA ARG A 38 -6.78 -8.60 -19.94
C ARG A 38 -6.22 -10.02 -19.96
N GLN A 39 -7.05 -10.95 -20.41
CA GLN A 39 -6.66 -12.36 -20.52
C GLN A 39 -7.07 -12.86 -21.89
N ALA A 40 -6.09 -13.12 -22.75
CA ALA A 40 -6.39 -13.66 -24.07
C ALA A 40 -6.98 -15.06 -23.94
N PRO A 41 -7.86 -15.44 -24.87
CA PRO A 41 -8.46 -16.79 -24.81
C PRO A 41 -7.39 -17.87 -24.85
N GLY A 42 -7.32 -18.64 -23.76
CA GLY A 42 -6.30 -19.66 -23.62
C GLY A 42 -4.96 -19.16 -23.13
N LYS A 43 -4.86 -17.91 -22.70
CA LYS A 43 -3.62 -17.33 -22.23
C LYS A 43 -3.80 -16.81 -20.81
N GLY A 44 -2.78 -16.13 -20.30
CA GLY A 44 -2.81 -15.57 -18.97
C GLY A 44 -3.14 -14.09 -18.94
N LEU A 45 -3.33 -13.57 -17.73
CA LEU A 45 -3.60 -12.15 -17.58
C LEU A 45 -2.35 -11.34 -17.88
N GLU A 46 -2.51 -10.32 -18.72
CA GLU A 46 -1.45 -9.38 -19.04
C GLU A 46 -1.86 -8.00 -18.52
N TRP A 47 -0.99 -7.39 -17.71
CA TRP A 47 -1.30 -6.11 -17.09
C TRP A 47 -1.40 -5.03 -18.16
N VAL A 48 -2.63 -4.61 -18.46
CA VAL A 48 -2.82 -3.54 -19.45
C VAL A 48 -2.27 -2.22 -18.91
N GLY A 49 -2.61 -1.90 -17.67
CA GLY A 49 -2.14 -0.67 -17.06
C GLY A 49 -2.90 -0.37 -15.79
N ARG A 50 -2.37 0.58 -15.04
CA ARG A 50 -2.97 1.04 -13.79
C ARG A 50 -3.31 2.52 -13.88
N ILE A 51 -4.51 2.87 -13.43
CA ILE A 51 -4.89 4.26 -13.23
C ILE A 51 -4.93 4.53 -11.73
N LYS A 52 -4.06 5.42 -11.26
CA LYS A 52 -3.91 5.68 -9.85
C LYS A 52 -5.01 6.62 -9.34
N SER A 53 -5.09 6.74 -8.02
CA SER A 53 -6.06 7.63 -7.41
C SER A 53 -5.71 9.08 -7.69
N LYS A 54 -6.74 9.93 -7.70
CA LYS A 54 -6.54 11.35 -7.96
C LYS A 54 -5.66 12.00 -6.89
N ILE A 55 -5.78 11.56 -5.64
CA ILE A 55 -4.97 12.14 -4.57
C ILE A 55 -3.51 11.81 -4.79
N ASP A 56 -3.20 10.62 -5.31
CA ASP A 56 -1.84 10.20 -5.60
C ASP A 56 -1.36 10.66 -6.97
N GLY A 57 -2.00 11.67 -7.55
CA GLY A 57 -1.58 12.25 -8.80
C GLY A 57 -2.36 11.77 -10.02
N GLY A 58 -3.09 10.66 -9.89
CA GLY A 58 -3.82 10.13 -11.03
C GLY A 58 -2.95 9.67 -12.17
N THR A 59 -1.69 9.33 -11.90
CA THR A 59 -0.76 8.95 -12.95
C THR A 59 -1.18 7.63 -13.58
N THR A 60 -1.07 7.56 -14.91
CA THR A 60 -1.48 6.38 -15.67
C THR A 60 -0.25 5.63 -16.17
N ASP A 61 -0.18 4.34 -15.86
CA ASP A 61 0.89 3.48 -16.32
C ASP A 61 0.35 2.50 -17.36
N TYR A 62 1.24 2.01 -18.22
CA TYR A 62 0.90 1.00 -19.20
C TYR A 62 2.08 0.07 -19.41
N ALA A 63 1.79 -1.13 -19.89
CA ALA A 63 2.83 -2.09 -20.22
C ALA A 63 3.39 -1.80 -21.61
N ALA A 64 4.64 -2.24 -21.82
CA ALA A 64 5.29 -2.03 -23.11
C ALA A 64 4.57 -2.71 -24.27
N PRO A 65 4.12 -3.98 -24.18
CA PRO A 65 3.47 -4.59 -25.35
C PRO A 65 2.23 -3.86 -25.82
N VAL A 66 1.54 -3.13 -24.93
CA VAL A 66 0.35 -2.39 -25.30
C VAL A 66 0.56 -0.89 -25.19
N LYS A 67 1.81 -0.44 -25.06
CA LYS A 67 2.10 0.98 -24.93
C LYS A 67 1.85 1.71 -26.24
N GLY A 68 1.23 2.89 -26.15
CA GLY A 68 1.02 3.74 -27.28
C GLY A 68 -0.29 3.53 -28.02
N ARG A 69 -1.04 2.48 -27.71
CA ARG A 69 -2.30 2.19 -28.38
C ARG A 69 -3.50 2.15 -27.45
N PHE A 70 -3.31 1.94 -26.16
CA PHE A 70 -4.40 1.83 -25.20
C PHE A 70 -4.38 3.02 -24.25
N THR A 71 -5.50 3.21 -23.56
CA THR A 71 -5.64 4.30 -22.59
C THR A 71 -6.71 3.93 -21.58
N ILE A 72 -6.35 4.00 -20.30
CA ILE A 72 -7.26 3.67 -19.20
C ILE A 72 -7.60 4.97 -18.47
N SER A 73 -8.90 5.21 -18.29
CA SER A 73 -9.36 6.44 -17.65
C SER A 73 -10.31 6.12 -16.50
N ARG A 74 -10.95 7.14 -15.93
CA ARG A 74 -11.78 6.96 -14.75
C ARG A 74 -12.92 7.96 -14.78
N ASP A 75 -13.98 7.62 -14.05
CA ASP A 75 -15.09 8.55 -13.80
C ASP A 75 -15.68 8.25 -12.43
N ASP A 76 -16.32 9.26 -11.83
CA ASP A 76 -16.84 9.09 -10.47
C ASP A 76 -18.35 8.94 -10.44
N SER A 77 -19.07 9.61 -11.35
CA SER A 77 -20.52 9.56 -11.33
C SER A 77 -21.03 8.14 -11.60
N LYS A 78 -20.44 7.47 -12.57
CA LYS A 78 -20.86 6.12 -12.93
C LYS A 78 -20.11 5.03 -12.20
N ASN A 79 -19.07 5.38 -11.43
CA ASN A 79 -18.21 4.40 -10.77
C ASN A 79 -17.69 3.38 -11.79
N THR A 80 -17.29 3.88 -12.95
CA THR A 80 -17.00 3.05 -14.11
C THR A 80 -15.53 3.18 -14.50
N LEU A 81 -14.86 2.05 -14.68
CA LEU A 81 -13.51 2.00 -15.20
C LEU A 81 -13.57 1.82 -16.71
N TYR A 82 -12.74 2.56 -17.44
CA TYR A 82 -12.78 2.59 -18.89
C TYR A 82 -11.47 2.10 -19.49
N LEU A 83 -11.57 1.42 -20.63
CA LEU A 83 -10.40 0.99 -21.41
C LEU A 83 -10.70 1.27 -22.88
N GLN A 84 -10.33 2.45 -23.35
CA GLN A 84 -10.47 2.76 -24.77
C GLN A 84 -9.39 2.07 -25.57
N MET A 85 -9.71 1.75 -26.82
CA MET A 85 -8.81 1.01 -27.69
C MET A 85 -8.61 1.80 -28.98
N ASN A 86 -7.35 1.96 -29.37
CA ASN A 86 -6.98 2.63 -30.62
C ASN A 86 -5.97 1.77 -31.36
N SER A 87 -6.14 1.68 -32.68
CA SER A 87 -5.28 0.87 -33.56
C SER A 87 -5.28 -0.59 -33.09
N LEU A 88 -6.46 -1.19 -33.20
CA LEU A 88 -6.65 -2.56 -32.73
C LEU A 88 -5.72 -3.52 -33.47
N LYS A 89 -5.16 -4.46 -32.72
CA LYS A 89 -4.20 -5.43 -33.25
C LYS A 89 -4.73 -6.83 -32.99
N THR A 90 -4.49 -7.72 -33.95
CA THR A 90 -4.96 -9.10 -33.86
C THR A 90 -4.21 -9.86 -32.77
N VAL A 95 -10.19 -12.01 -22.89
CA VAL A 95 -11.20 -11.46 -22.00
C VAL A 95 -10.59 -10.37 -21.11
N TYR A 96 -11.31 -9.27 -20.95
CA TYR A 96 -10.83 -8.12 -20.22
C TYR A 96 -11.45 -8.08 -18.83
N TYR A 97 -10.62 -7.79 -17.83
CA TYR A 97 -11.04 -7.86 -16.43
C TYR A 97 -10.68 -6.56 -15.72
N CYS A 98 -11.69 -5.74 -15.44
CA CYS A 98 -11.49 -4.60 -14.57
C CYS A 98 -11.26 -5.07 -13.14
N THR A 99 -10.41 -4.35 -12.41
CA THR A 99 -10.05 -4.80 -11.07
C THR A 99 -9.63 -3.63 -10.20
N THR A 100 -9.45 -3.95 -8.92
CA THR A 100 -8.78 -3.11 -7.96
C THR A 100 -7.52 -3.79 -7.41
N ALA A 101 -7.01 -4.77 -8.14
CA ALA A 101 -5.87 -5.55 -7.67
C ALA A 101 -4.61 -4.69 -7.60
N GLY A 102 -3.74 -5.03 -6.66
CA GLY A 102 -2.50 -4.31 -6.49
C GLY A 102 -2.64 -2.91 -5.93
N SER A 103 -3.81 -2.56 -5.40
CA SER A 103 -4.09 -1.19 -4.96
C SER A 103 -4.00 -0.99 -3.46
N TYR A 104 -4.39 -1.99 -2.66
CA TYR A 104 -4.52 -1.81 -1.22
C TYR A 104 -3.21 -1.38 -0.55
N TYR A 105 -2.09 -1.65 -1.19
CA TYR A 105 -0.77 -1.42 -0.63
C TYR A 105 -0.28 0.00 -0.83
N TYR A 106 -0.99 0.81 -1.62
CA TYR A 106 -0.58 2.17 -1.90
C TYR A 106 -1.70 3.16 -1.59
N ASP A 107 -2.95 2.74 -1.83
CA ASP A 107 -4.06 3.64 -1.58
C ASP A 107 -4.23 3.86 -0.08
N THR A 108 -4.94 4.93 0.26
CA THR A 108 -5.23 5.21 1.65
C THR A 108 -6.67 4.81 1.98
N VAL A 109 -6.83 3.64 2.58
CA VAL A 109 -8.13 3.12 2.96
C VAL A 109 -8.01 2.50 4.34
N GLY A 110 -9.02 2.73 5.18
CA GLY A 110 -8.99 2.24 6.54
C GLY A 110 -9.23 0.75 6.62
N PRO A 111 -9.13 0.19 7.83
CA PRO A 111 -9.34 -1.26 7.99
C PRO A 111 -10.79 -1.68 7.84
N GLU A 112 -11.74 -0.77 7.95
CA GLU A 112 -13.13 -1.11 7.68
C GLU A 112 -13.30 -1.44 6.21
N LEU A 113 -14.04 -2.51 5.94
CA LEU A 113 -14.25 -3.00 4.59
C LEU A 113 -15.73 -3.35 4.41
N PRO A 114 -16.22 -3.31 3.17
CA PRO A 114 -17.64 -3.64 2.95
C PRO A 114 -18.03 -5.01 3.48
N GLU A 115 -17.17 -6.01 3.31
CA GLU A 115 -17.43 -7.33 3.88
C GLU A 115 -16.19 -7.83 4.61
N GLY A 116 -15.02 -7.39 4.15
CA GLY A 116 -13.76 -7.90 4.65
C GLY A 116 -12.81 -8.24 3.53
N LYS A 117 -13.33 -8.25 2.29
CA LYS A 117 -12.50 -8.40 1.11
C LYS A 117 -12.12 -7.02 0.60
N PHE A 118 -10.82 -6.74 0.55
CA PHE A 118 -10.34 -5.50 -0.05
C PHE A 118 -10.02 -5.65 -1.53
N ASP A 119 -10.18 -6.84 -2.09
CA ASP A 119 -10.07 -7.02 -3.54
C ASP A 119 -11.44 -6.86 -4.20
N TYR A 120 -11.41 -6.45 -5.46
CA TYR A 120 -12.62 -6.35 -6.29
C TYR A 120 -12.23 -6.72 -7.72
N TRP A 121 -12.97 -7.66 -8.30
CA TRP A 121 -12.59 -8.30 -9.55
C TRP A 121 -13.77 -8.35 -10.50
N GLY A 122 -13.52 -7.98 -11.76
CA GLY A 122 -14.60 -7.85 -12.72
C GLY A 122 -15.13 -9.17 -13.22
N GLN A 123 -16.34 -9.11 -13.78
CA GLN A 123 -16.97 -10.31 -14.35
C GLN A 123 -16.14 -10.87 -15.51
N GLY A 124 -15.67 -9.99 -16.39
CA GLY A 124 -14.90 -10.41 -17.54
C GLY A 124 -15.67 -10.30 -18.83
N THR A 125 -15.16 -9.52 -19.77
CA THR A 125 -15.78 -9.33 -21.07
C THR A 125 -14.84 -9.79 -22.17
N LEU A 126 -15.33 -10.65 -23.05
CA LEU A 126 -14.57 -11.18 -24.17
C LEU A 126 -14.70 -10.24 -25.36
N VAL A 127 -13.56 -9.81 -25.90
CA VAL A 127 -13.51 -8.96 -27.08
C VAL A 127 -12.73 -9.71 -28.15
N THR A 128 -13.37 -9.93 -29.30
CA THR A 128 -12.78 -10.69 -30.39
C THR A 128 -12.46 -9.78 -31.56
N VAL A 129 -11.36 -10.09 -32.24
CA VAL A 129 -10.86 -9.30 -33.36
C VAL A 129 -10.91 -10.15 -34.63
N SER A 130 -11.42 -9.55 -35.71
CA SER A 130 -11.53 -10.25 -36.98
C SER A 130 -10.17 -10.64 -37.53
N ILE B 2 9.56 -5.01 -14.94
CA ILE B 2 10.14 -6.09 -14.18
C ILE B 2 9.49 -7.43 -14.58
N VAL B 3 10.31 -8.34 -15.11
CA VAL B 3 9.80 -9.61 -15.59
C VAL B 3 9.46 -10.50 -14.39
N MET B 4 8.28 -11.11 -14.43
CA MET B 4 7.79 -11.97 -13.37
C MET B 4 7.57 -13.37 -13.94
N THR B 5 8.07 -14.38 -13.23
CA THR B 5 8.01 -15.76 -13.70
C THR B 5 7.52 -16.67 -12.58
N GLN B 6 6.52 -17.47 -12.88
CA GLN B 6 5.99 -18.45 -11.93
C GLN B 6 6.65 -19.81 -12.14
N SER B 7 6.59 -20.64 -11.12
CA SER B 7 7.13 -22.00 -11.17
C SER B 7 6.06 -22.99 -10.70
N PRO B 8 5.47 -23.78 -11.60
CA PRO B 8 5.65 -23.80 -13.05
C PRO B 8 4.52 -23.06 -13.76
N ASP B 9 4.45 -23.15 -15.10
CA ASP B 9 3.35 -22.52 -15.81
C ASP B 9 2.03 -23.25 -15.58
N SER B 10 2.09 -24.55 -15.27
CA SER B 10 0.89 -25.32 -14.98
C SER B 10 1.21 -26.32 -13.87
N LEU B 11 0.45 -26.25 -12.78
CA LEU B 11 0.67 -27.08 -11.60
C LEU B 11 -0.52 -28.00 -11.38
N ALA B 12 -0.24 -29.22 -10.96
CA ALA B 12 -1.27 -30.20 -10.62
C ALA B 12 -1.13 -30.59 -9.15
N VAL B 13 -2.22 -30.44 -8.40
CA VAL B 13 -2.25 -30.78 -6.99
C VAL B 13 -3.57 -31.49 -6.70
N SER B 14 -3.52 -32.59 -5.98
CA SER B 14 -4.72 -33.36 -5.66
C SER B 14 -5.49 -32.69 -4.53
N LEU B 15 -6.52 -33.37 -4.04
CA LEU B 15 -7.38 -32.81 -3.00
C LEU B 15 -6.66 -32.79 -1.66
N GLY B 16 -6.47 -31.58 -1.11
CA GLY B 16 -5.94 -31.44 0.22
C GLY B 16 -4.42 -31.46 0.35
N GLU B 17 -3.69 -31.67 -0.75
CA GLU B 17 -2.24 -31.70 -0.66
C GLU B 17 -1.67 -30.29 -0.71
N ARG B 18 -0.38 -30.19 -0.34
CA ARG B 18 0.29 -28.91 -0.31
C ARG B 18 0.54 -28.41 -1.73
N ALA B 19 0.20 -27.13 -1.96
CA ALA B 19 0.32 -26.51 -3.29
C ALA B 19 1.26 -25.33 -3.18
N THR B 20 2.54 -25.55 -3.47
CA THR B 20 3.56 -24.51 -3.42
C THR B 20 3.77 -23.95 -4.82
N ILE B 21 3.70 -22.62 -4.94
CA ILE B 21 3.90 -21.92 -6.20
C ILE B 21 5.00 -20.89 -5.99
N ASN B 22 6.18 -21.15 -6.56
CA ASN B 22 7.32 -20.27 -6.41
C ASN B 22 7.25 -19.13 -7.43
N CYS B 23 7.69 -17.94 -7.00
CA CYS B 23 7.73 -16.76 -7.86
C CYS B 23 9.15 -16.21 -7.87
N LYS B 24 9.58 -15.73 -9.03
CA LYS B 24 10.90 -15.15 -9.20
C LYS B 24 10.78 -13.87 -10.03
N SER B 25 11.48 -12.82 -9.60
CA SER B 25 11.43 -11.52 -10.24
C SER B 25 12.82 -11.10 -10.69
N SER B 26 12.87 -10.26 -11.73
CA SER B 26 14.15 -9.77 -12.23
C SER B 26 14.81 -8.83 -11.24
N GLN B 27 14.14 -7.72 -10.92
CA GLN B 27 14.65 -6.77 -9.95
C GLN B 27 14.37 -7.27 -8.53
N SER B 28 14.79 -6.49 -7.54
CA SER B 28 14.53 -6.80 -6.14
C SER B 28 13.27 -6.08 -5.70
N VAL B 29 12.27 -6.85 -5.27
CA VAL B 29 10.98 -6.27 -4.89
C VAL B 29 11.01 -5.76 -3.45
N LEU B 30 11.76 -6.42 -2.57
CA LEU B 30 11.80 -6.03 -1.17
C LEU B 30 12.24 -4.59 -1.02
N TYR B 31 11.49 -3.82 -0.25
CA TYR B 31 11.81 -2.42 0.04
C TYR B 31 12.77 -2.38 1.22
N ALA B 32 13.93 -1.75 1.01
CA ALA B 32 14.94 -1.71 2.06
C ALA B 32 14.44 -0.98 3.30
N ALA B 33 13.66 0.09 3.11
CA ALA B 33 13.15 0.84 4.25
C ALA B 33 12.14 0.02 5.05
N ASN B 34 11.06 -0.40 4.40
CA ASN B 34 9.97 -1.10 5.08
C ASN B 34 10.41 -2.47 5.63
N ASN B 35 11.47 -3.05 5.07
CA ASN B 35 11.93 -4.39 5.39
C ASN B 35 10.86 -5.45 5.11
N LYS B 36 10.03 -5.23 4.11
CA LYS B 36 9.10 -6.25 3.62
C LYS B 36 8.87 -6.06 2.14
N ASN B 37 8.39 -7.11 1.50
CA ASN B 37 8.24 -7.14 0.05
C ASN B 37 6.90 -6.54 -0.37
N TYR B 38 6.77 -6.33 -1.67
CA TYR B 38 5.56 -5.80 -2.29
C TYR B 38 5.06 -6.86 -3.28
N LEU B 39 4.27 -7.80 -2.77
CA LEU B 39 3.83 -8.94 -3.57
C LEU B 39 2.38 -9.27 -3.23
N ALA B 40 1.71 -9.92 -4.17
CA ALA B 40 0.33 -10.37 -3.99
C ALA B 40 0.17 -11.73 -4.66
N TRP B 41 -1.02 -12.31 -4.51
CA TRP B 41 -1.30 -13.63 -5.08
C TRP B 41 -2.79 -13.71 -5.38
N TYR B 42 -3.13 -13.91 -6.64
CA TYR B 42 -4.52 -13.97 -7.07
C TYR B 42 -4.82 -15.33 -7.71
N GLN B 43 -6.01 -15.84 -7.41
CA GLN B 43 -6.51 -17.07 -8.01
C GLN B 43 -7.72 -16.74 -8.87
N GLN B 44 -7.82 -17.40 -10.02
CA GLN B 44 -8.85 -17.10 -11.01
C GLN B 44 -9.59 -18.39 -11.37
N LYS B 45 -10.83 -18.49 -10.90
CA LYS B 45 -11.66 -19.62 -11.27
C LYS B 45 -12.14 -19.44 -12.71
N PRO B 46 -12.37 -20.52 -13.44
CA PRO B 46 -12.79 -20.39 -14.84
C PRO B 46 -14.17 -19.78 -15.00
N GLY B 47 -14.25 -18.61 -15.65
CA GLY B 47 -15.50 -18.01 -16.06
C GLY B 47 -15.97 -16.83 -15.25
N GLN B 48 -15.50 -16.65 -14.02
CA GLN B 48 -15.95 -15.60 -13.14
C GLN B 48 -14.76 -14.90 -12.50
N PRO B 49 -14.99 -13.76 -11.84
CA PRO B 49 -13.89 -12.93 -11.32
C PRO B 49 -12.83 -13.74 -10.57
N PRO B 50 -11.58 -13.29 -10.60
CA PRO B 50 -10.55 -13.86 -9.73
C PRO B 50 -10.71 -13.40 -8.29
N LYS B 51 -9.80 -13.83 -7.41
CA LYS B 51 -9.84 -13.43 -6.01
C LYS B 51 -8.41 -13.35 -5.47
N LEU B 52 -8.27 -12.64 -4.36
CA LEU B 52 -6.96 -12.38 -3.75
C LEU B 52 -6.72 -13.38 -2.61
N LEU B 53 -5.63 -14.14 -2.71
CA LEU B 53 -5.28 -15.06 -1.63
C LEU B 53 -4.55 -14.34 -0.51
N MET B 54 -3.39 -13.76 -0.81
CA MET B 54 -2.55 -13.14 0.20
C MET B 54 -1.96 -11.84 -0.31
N TYR B 55 -1.50 -11.03 0.63
CA TYR B 55 -0.93 -9.72 0.35
C TYR B 55 0.29 -9.53 1.23
N TRP B 56 1.18 -8.64 0.79
CA TRP B 56 2.50 -8.44 1.41
C TRP B 56 3.33 -9.72 1.43
N ALA B 57 2.92 -10.71 0.63
CA ALA B 57 3.58 -12.00 0.48
C ALA B 57 3.49 -12.83 1.75
N SER B 58 2.90 -12.27 2.81
CA SER B 58 2.71 -13.00 4.06
C SER B 58 1.31 -12.87 4.62
N GLU B 59 0.69 -11.71 4.51
CA GLU B 59 -0.59 -11.46 5.17
C GLU B 59 -1.71 -12.21 4.48
N ARG B 60 -2.75 -12.53 5.24
CA ARG B 60 -3.84 -13.39 4.80
C ARG B 60 -5.10 -12.57 4.53
N GLU B 61 -5.75 -12.88 3.39
CA GLU B 61 -7.09 -12.36 3.13
C GLU B 61 -8.04 -12.75 4.26
N SER B 62 -8.88 -11.80 4.65
CA SER B 62 -9.93 -12.12 5.62
C SER B 62 -11.04 -12.92 4.93
N GLY B 63 -11.77 -13.69 5.73
CA GLY B 63 -12.86 -14.50 5.22
C GLY B 63 -12.45 -15.82 4.60
N VAL B 64 -11.16 -16.13 4.54
CA VAL B 64 -10.66 -17.38 4.01
C VAL B 64 -9.75 -18.01 5.06
N PRO B 65 -9.96 -19.28 5.44
CA PRO B 65 -9.19 -19.86 6.54
C PRO B 65 -7.70 -20.08 6.23
N ASP B 66 -7.02 -20.73 7.17
CA ASP B 66 -5.57 -20.69 7.32
C ASP B 66 -4.80 -21.44 6.24
N ARG B 67 -5.46 -22.26 5.41
CA ARG B 67 -4.70 -23.10 4.49
C ARG B 67 -3.88 -22.30 3.49
N PHE B 68 -4.28 -21.05 3.23
CA PHE B 68 -3.47 -20.15 2.41
C PHE B 68 -2.26 -19.70 3.21
N SER B 69 -1.07 -19.80 2.62
CA SER B 69 0.16 -19.45 3.31
C SER B 69 1.18 -18.94 2.30
N GLY B 70 1.88 -17.88 2.68
CA GLY B 70 2.89 -17.29 1.82
C GLY B 70 4.08 -16.82 2.61
N SER B 71 5.23 -16.79 1.94
CA SER B 71 6.47 -16.33 2.56
C SER B 71 7.44 -15.96 1.47
N GLY B 72 7.84 -14.69 1.41
CA GLY B 72 8.75 -14.23 0.39
C GLY B 72 9.77 -13.26 0.97
N SER B 73 10.93 -13.22 0.30
CA SER B 73 12.01 -12.33 0.71
C SER B 73 12.88 -12.04 -0.50
N GLY B 74 13.21 -10.76 -0.68
CA GLY B 74 14.06 -10.35 -1.78
C GLY B 74 13.36 -10.34 -3.12
N ALA B 75 13.87 -11.13 -4.05
CA ALA B 75 13.27 -11.29 -5.37
C ALA B 75 12.69 -12.69 -5.58
N GLU B 76 12.70 -13.53 -4.54
CA GLU B 76 12.16 -14.88 -4.60
C GLU B 76 10.98 -14.98 -3.65
N PHE B 77 9.86 -15.50 -4.14
CA PHE B 77 8.63 -15.54 -3.37
C PHE B 77 7.97 -16.90 -3.54
N THR B 78 7.12 -17.24 -2.57
CA THR B 78 6.40 -18.51 -2.59
C THR B 78 5.04 -18.34 -1.94
N LEU B 79 4.04 -18.98 -2.53
CA LEU B 79 2.72 -19.11 -1.93
C LEU B 79 2.40 -20.60 -1.83
N THR B 80 2.16 -21.08 -0.61
CA THR B 80 1.91 -22.48 -0.37
C THR B 80 0.52 -22.66 0.21
N ILE B 81 -0.24 -23.61 -0.33
CA ILE B 81 -1.62 -23.87 0.07
C ILE B 81 -1.65 -25.19 0.81
N SER B 82 -2.17 -25.16 2.04
CA SER B 82 -2.14 -26.35 2.88
C SER B 82 -3.10 -27.42 2.36
N SER B 83 -4.30 -27.01 1.94
CA SER B 83 -5.32 -27.96 1.51
C SER B 83 -6.08 -27.39 0.31
N LEU B 84 -6.34 -28.25 -0.67
CA LEU B 84 -7.06 -27.87 -1.87
C LEU B 84 -8.46 -28.49 -1.82
N GLN B 85 -9.48 -27.66 -1.94
CA GLN B 85 -10.88 -28.08 -1.90
C GLN B 85 -11.51 -27.98 -3.29
N ALA B 86 -12.80 -28.34 -3.37
CA ALA B 86 -13.50 -28.32 -4.64
C ALA B 86 -13.59 -26.91 -5.22
N GLU B 87 -13.92 -25.93 -4.38
CA GLU B 87 -13.97 -24.54 -4.83
C GLU B 87 -12.59 -23.92 -4.94
N ASP B 88 -11.59 -24.49 -4.26
CA ASP B 88 -10.24 -23.94 -4.31
C ASP B 88 -9.59 -24.09 -5.68
N VAL B 89 -10.13 -24.97 -6.53
CA VAL B 89 -9.55 -25.17 -7.86
C VAL B 89 -9.70 -23.90 -8.67
N ALA B 90 -8.56 -23.35 -9.09
CA ALA B 90 -8.55 -22.13 -9.88
C ALA B 90 -7.17 -21.98 -10.51
N ILE B 91 -6.98 -20.90 -11.25
CA ILE B 91 -5.72 -20.59 -11.91
C ILE B 91 -5.13 -19.34 -11.28
N TYR B 92 -3.83 -19.35 -11.04
CA TYR B 92 -3.17 -18.42 -10.13
C TYR B 92 -2.26 -17.47 -10.87
N TYR B 93 -2.04 -16.30 -10.28
CA TYR B 93 -1.21 -15.26 -10.90
C TYR B 93 -0.45 -14.53 -9.79
N CYS B 94 0.83 -14.88 -9.62
CA CYS B 94 1.69 -14.13 -8.72
C CYS B 94 1.90 -12.72 -9.28
N GLN B 95 1.84 -11.72 -8.40
CA GLN B 95 1.86 -10.33 -8.84
C GLN B 95 2.80 -9.52 -7.95
N GLN B 96 3.50 -8.58 -8.57
CA GLN B 96 4.33 -7.61 -7.87
C GLN B 96 3.82 -6.20 -8.16
N TYR B 97 4.03 -5.30 -7.20
CA TYR B 97 3.58 -3.92 -7.40
C TYR B 97 4.62 -2.89 -6.98
N TYR B 98 5.90 -3.29 -6.87
CA TYR B 98 6.95 -2.35 -6.52
C TYR B 98 6.99 -1.21 -7.55
N SER B 99 7.29 -1.55 -8.79
CA SER B 99 7.19 -0.63 -9.92
C SER B 99 6.24 -1.23 -10.93
N THR B 100 5.18 -0.49 -11.28
CA THR B 100 4.08 -0.99 -12.09
C THR B 100 3.51 -2.26 -11.46
N LEU B 101 2.81 -3.07 -12.25
CA LEU B 101 2.31 -4.36 -11.80
C LEU B 101 2.48 -5.36 -12.93
N THR B 102 3.02 -6.53 -12.63
CA THR B 102 3.31 -7.54 -13.65
C THR B 102 2.80 -8.89 -13.19
N PHE B 103 1.59 -9.23 -13.64
CA PHE B 103 1.14 -10.61 -13.53
C PHE B 103 2.02 -11.50 -14.40
N GLY B 104 2.45 -12.63 -13.85
CA GLY B 104 3.32 -13.53 -14.57
C GLY B 104 2.57 -14.34 -15.61
N GLY B 105 3.23 -15.38 -16.10
CA GLY B 105 2.61 -16.26 -17.08
C GLY B 105 1.36 -16.95 -16.57
N GLY B 106 1.23 -17.09 -15.24
CA GLY B 106 0.05 -17.68 -14.66
C GLY B 106 0.17 -19.17 -14.44
N THR B 107 -0.09 -19.61 -13.21
CA THR B 107 -0.05 -21.02 -12.85
C THR B 107 -1.48 -21.50 -12.60
N LYS B 108 -1.91 -22.48 -13.38
CA LYS B 108 -3.24 -23.06 -13.23
C LYS B 108 -3.13 -24.35 -12.44
N VAL B 109 -3.93 -24.47 -11.37
CA VAL B 109 -3.95 -25.67 -10.55
C VAL B 109 -5.28 -26.39 -10.80
N GLU B 110 -5.22 -27.71 -10.77
CA GLU B 110 -6.39 -28.54 -11.02
C GLU B 110 -6.29 -29.80 -10.17
N ILE B 111 -7.44 -30.39 -9.87
CA ILE B 111 -7.49 -31.61 -9.09
C ILE B 111 -6.89 -32.75 -9.89
N LYS B 112 -5.98 -33.49 -9.28
CA LYS B 112 -5.33 -34.62 -9.94
C LYS B 112 -6.33 -35.72 -10.27
N THR C 1 -12.69 34.78 8.94
CA THR C 1 -12.45 33.62 8.11
C THR C 1 -10.97 33.54 7.73
N ASN C 2 -10.32 32.47 8.17
CA ASN C 2 -8.90 32.26 7.88
C ASN C 2 -8.68 30.79 7.56
N LEU C 3 -7.84 30.54 6.55
CA LEU C 3 -7.54 29.19 6.10
C LEU C 3 -6.04 28.93 6.26
N CYS C 4 -5.71 27.74 6.75
CA CYS C 4 -4.33 27.30 6.95
C CYS C 4 -4.22 25.86 6.48
N PRO C 5 -3.02 25.40 6.15
CA PRO C 5 -2.84 23.98 5.81
C PRO C 5 -2.92 23.02 6.99
N PHE C 6 -3.32 23.51 8.17
CA PHE C 6 -3.43 22.63 9.33
C PHE C 6 -4.49 21.55 9.11
N ASP C 7 -5.63 21.91 8.52
CA ASP C 7 -6.61 20.88 8.18
C ASP C 7 -6.04 19.91 7.15
N GLU C 8 -5.26 20.42 6.19
CA GLU C 8 -4.59 19.54 5.24
C GLU C 8 -3.55 18.66 5.93
N VAL C 9 -2.81 19.23 6.89
CA VAL C 9 -1.75 18.47 7.56
C VAL C 9 -2.35 17.37 8.42
N PHE C 10 -3.33 17.71 9.26
CA PHE C 10 -3.94 16.74 10.16
C PHE C 10 -4.80 15.73 9.42
N ASN C 11 -5.67 16.21 8.52
CA ASN C 11 -6.56 15.31 7.81
C ASN C 11 -5.91 14.79 6.53
N ALA C 12 -4.58 14.82 6.47
CA ALA C 12 -3.82 14.37 5.31
C ALA C 12 -4.23 12.98 4.86
N THR C 13 -4.48 12.83 3.56
CA THR C 13 -4.86 11.53 3.03
C THR C 13 -3.80 10.48 3.32
N ARG C 14 -2.52 10.86 3.21
CA ARG C 14 -1.40 10.03 3.64
C ARG C 14 -0.43 10.88 4.44
N PHE C 15 -0.03 10.38 5.60
CA PHE C 15 0.96 11.07 6.43
C PHE C 15 2.37 10.69 6.02
N ALA C 16 3.33 11.48 6.50
CA ALA C 16 4.73 11.18 6.24
C ALA C 16 5.31 10.33 7.36
N SER C 17 6.46 9.70 7.09
CA SER C 17 7.13 8.91 8.08
C SER C 17 7.90 9.79 9.06
N VAL C 18 8.35 9.18 10.15
CA VAL C 18 9.09 9.93 11.16
C VAL C 18 10.46 10.33 10.66
N TYR C 19 11.15 9.43 9.97
CA TYR C 19 12.49 9.75 9.48
C TYR C 19 12.46 10.95 8.53
N ALA C 20 11.41 11.07 7.73
CA ALA C 20 11.20 12.22 6.87
C ALA C 20 9.84 12.81 7.23
N TRP C 21 9.82 13.63 8.27
CA TRP C 21 8.59 14.24 8.75
C TRP C 21 8.22 15.41 7.85
N ASN C 22 7.00 15.40 7.35
CA ASN C 22 6.54 16.41 6.43
C ASN C 22 6.47 17.77 7.13
N ARG C 23 7.09 18.77 6.52
CA ARG C 23 7.35 20.05 7.16
C ARG C 23 6.62 21.16 6.40
N LYS C 24 5.66 21.79 7.07
CA LYS C 24 4.96 22.94 6.52
C LYS C 24 5.08 24.12 7.47
N ARG C 25 4.87 25.31 6.93
CA ARG C 25 4.85 26.53 7.71
C ARG C 25 3.43 26.92 8.08
N ALA C 31 -4.90 33.67 14.75
CA ALA C 31 -5.44 32.55 14.00
C ALA C 31 -6.32 31.67 14.89
N ASP C 32 -6.87 30.61 14.31
CA ASP C 32 -7.76 29.69 15.02
C ASP C 32 -7.15 28.30 14.95
N TYR C 33 -6.87 27.72 16.12
CA TYR C 33 -6.38 26.35 16.21
C TYR C 33 -7.30 25.46 17.01
N SER C 34 -8.54 25.88 17.25
CA SER C 34 -9.47 25.05 17.99
C SER C 34 -9.94 23.85 17.18
N VAL C 35 -9.90 23.95 15.85
CA VAL C 35 -10.32 22.84 15.01
C VAL C 35 -9.38 21.65 15.17
N LEU C 36 -8.11 21.93 15.45
CA LEU C 36 -7.15 20.85 15.67
C LEU C 36 -7.51 20.00 16.89
N TYR C 37 -7.94 20.64 17.97
CA TYR C 37 -8.21 19.87 19.18
C TYR C 37 -9.66 19.40 19.24
N ASN C 38 -10.54 20.02 18.44
CA ASN C 38 -11.96 19.69 18.53
C ASN C 38 -12.33 18.53 17.63
N PHE C 39 -11.63 18.37 16.50
CA PHE C 39 -12.10 17.44 15.46
C PHE C 39 -12.00 15.99 15.91
N ALA C 40 -11.06 15.67 16.80
CA ALA C 40 -10.85 14.29 17.21
C ALA C 40 -10.56 14.21 18.70
N PRO C 41 -11.15 13.25 19.42
CA PRO C 41 -10.70 12.97 20.78
C PRO C 41 -9.27 12.43 20.78
N PHE C 42 -8.55 12.70 21.87
CA PHE C 42 -7.12 12.43 21.93
C PHE C 42 -6.76 11.50 23.08
N PHE C 43 -5.63 10.81 22.90
CA PHE C 43 -4.96 10.14 24.01
C PHE C 43 -3.98 11.08 24.70
N ALA C 44 -3.34 11.96 23.94
CA ALA C 44 -2.43 12.96 24.49
C ALA C 44 -2.37 14.13 23.53
N PHE C 45 -2.75 15.32 24.00
CA PHE C 45 -2.67 16.54 23.21
C PHE C 45 -2.04 17.69 23.96
N LYS C 46 -2.05 17.66 25.30
CA LYS C 46 -1.56 18.80 26.08
C LYS C 46 -0.13 19.14 25.70
N CYS C 47 0.15 20.44 25.62
CA CYS C 47 1.45 20.90 25.17
C CYS C 47 2.52 20.57 26.22
N TYR C 48 3.62 19.97 25.75
CA TYR C 48 4.79 19.73 26.57
C TYR C 48 5.76 20.87 26.35
N GLY C 49 5.94 21.71 27.37
CA GLY C 49 6.68 22.95 27.23
C GLY C 49 5.83 24.16 26.91
N VAL C 50 4.52 23.99 26.73
CA VAL C 50 3.61 25.11 26.46
C VAL C 50 2.28 24.80 27.14
N SER C 51 1.34 25.75 27.03
CA SER C 51 0.04 25.56 27.66
C SER C 51 -1.02 25.25 26.61
N PRO C 52 -1.83 24.20 26.83
CA PRO C 52 -2.87 23.85 25.87
C PRO C 52 -3.73 25.02 25.43
N THR C 53 -4.14 25.89 26.35
CA THR C 53 -5.01 26.99 25.98
C THR C 53 -4.22 28.15 25.37
N LYS C 54 -2.91 28.22 25.65
CA LYS C 54 -2.14 29.39 25.26
C LYS C 54 -1.73 29.33 23.79
N LEU C 55 -1.79 28.16 23.16
CA LEU C 55 -1.36 28.05 21.77
C LEU C 55 -2.27 28.87 20.86
N ASN C 56 -3.57 28.90 21.15
CA ASN C 56 -4.51 29.68 20.35
C ASN C 56 -4.56 31.13 20.83
N ASN C 62 6.95 32.20 13.34
CA ASN C 62 7.36 31.05 12.54
C ASN C 62 6.70 29.82 13.18
N VAL C 63 6.06 29.00 12.36
CA VAL C 63 5.41 27.78 12.79
C VAL C 63 5.89 26.65 11.89
N TYR C 64 6.29 25.54 12.50
CA TYR C 64 6.75 24.36 11.78
C TYR C 64 5.88 23.17 12.14
N ALA C 65 4.97 22.82 11.23
CA ALA C 65 4.07 21.69 11.42
C ALA C 65 4.76 20.43 10.91
N ASP C 66 5.28 19.64 11.84
CA ASP C 66 6.02 18.42 11.53
C ASP C 66 5.09 17.22 11.71
N SER C 67 4.51 16.76 10.60
CA SER C 67 3.47 15.74 10.64
C SER C 67 4.09 14.37 10.40
N PHE C 68 3.78 13.43 11.30
CA PHE C 68 4.17 12.05 11.15
C PHE C 68 3.33 11.21 12.11
N VAL C 69 3.40 9.90 11.95
CA VAL C 69 2.70 8.98 12.83
C VAL C 69 3.68 8.41 13.84
N ILE C 70 3.25 8.33 15.10
CA ILE C 70 4.07 7.77 16.17
C ILE C 70 3.21 6.81 16.99
N ARG C 71 3.89 5.91 17.69
CA ARG C 71 3.19 4.89 18.46
C ARG C 71 2.64 5.49 19.75
N GLY C 72 1.59 4.86 20.29
CA GLY C 72 0.92 5.42 21.45
C GLY C 72 1.83 5.54 22.66
N ASN C 73 2.68 4.54 22.88
CA ASN C 73 3.59 4.60 24.02
C ASN C 73 4.65 5.68 23.81
N GLU C 74 4.89 6.07 22.55
CA GLU C 74 5.93 7.04 22.22
C GLU C 74 5.39 8.46 22.10
N VAL C 75 4.10 8.69 22.38
CA VAL C 75 3.58 10.06 22.34
C VAL C 75 4.21 10.91 23.43
N SER C 76 4.44 10.33 24.61
CA SER C 76 5.13 11.05 25.66
C SER C 76 6.59 11.32 25.30
N GLN C 77 7.15 10.48 24.42
CA GLN C 77 8.55 10.63 24.03
C GLN C 77 8.81 11.95 23.32
N ILE C 78 7.80 12.51 22.67
CA ILE C 78 7.98 13.78 21.98
C ILE C 78 7.71 14.91 22.95
N ALA C 79 8.72 15.26 23.74
CA ALA C 79 8.61 16.26 24.80
C ALA C 79 9.96 16.92 25.03
N PRO C 80 9.99 18.17 25.48
CA PRO C 80 11.27 18.84 25.72
C PRO C 80 12.06 18.14 26.83
N GLY C 81 13.34 17.90 26.56
CA GLY C 81 14.21 17.24 27.50
C GLY C 81 14.02 15.75 27.62
N GLN C 82 13.08 15.18 26.88
CA GLN C 82 12.84 13.73 26.95
C GLN C 82 13.92 13.00 26.16
N THR C 83 14.32 11.83 26.67
CA THR C 83 15.36 11.02 26.06
C THR C 83 14.78 9.65 25.70
N GLY C 84 15.02 9.22 24.46
CA GLY C 84 14.56 7.93 24.01
C GLY C 84 14.83 7.73 22.53
N ASN C 85 14.29 6.63 22.00
CA ASN C 85 14.55 6.28 20.61
C ASN C 85 14.04 7.35 19.65
N ILE C 86 12.81 7.79 19.83
CA ILE C 86 12.26 8.84 18.97
C ILE C 86 12.96 10.17 19.25
N ALA C 87 13.25 10.44 20.53
CA ALA C 87 13.83 11.73 20.89
C ALA C 87 15.28 11.84 20.45
N ASP C 88 16.08 10.80 20.67
CA ASP C 88 17.51 10.90 20.40
C ASP C 88 17.78 11.09 18.91
N TYR C 89 17.12 10.33 18.06
CA TYR C 89 17.52 10.23 16.65
C TYR C 89 16.42 10.70 15.70
N ASN C 90 15.19 10.18 15.83
CA ASN C 90 14.13 10.59 14.91
C ASN C 90 13.82 12.07 15.03
N TYR C 91 13.32 12.48 16.19
CA TYR C 91 12.90 13.86 16.41
C TYR C 91 13.45 14.33 17.74
N LYS C 92 14.51 15.13 17.70
CA LYS C 92 15.08 15.73 18.89
C LYS C 92 14.50 17.13 19.05
N LEU C 93 14.11 17.46 20.26
CA LEU C 93 13.51 18.76 20.47
C LEU C 93 14.35 19.59 21.43
N PRO C 94 14.51 20.88 21.18
CA PRO C 94 15.25 21.72 22.13
C PRO C 94 14.49 21.81 23.45
N ASP C 95 15.25 21.82 24.55
CA ASP C 95 14.63 21.93 25.86
C ASP C 95 13.85 23.24 25.99
N ASP C 96 14.37 24.31 25.40
CA ASP C 96 13.71 25.61 25.43
C ASP C 96 12.92 25.85 24.13
N PHE C 97 11.98 24.94 23.86
CA PHE C 97 11.12 25.05 22.70
C PHE C 97 9.68 25.12 23.17
N THR C 98 8.89 26.00 22.54
CA THR C 98 7.48 26.17 22.87
C THR C 98 6.65 25.53 21.77
N GLY C 99 6.19 24.31 22.01
CA GLY C 99 5.40 23.58 21.02
C GLY C 99 4.47 22.60 21.69
N CYS C 100 3.51 22.11 20.89
CA CYS C 100 2.49 21.19 21.36
C CYS C 100 2.53 19.92 20.53
N VAL C 101 2.39 18.78 21.21
CA VAL C 101 2.28 17.48 20.55
C VAL C 101 0.82 17.03 20.65
N ILE C 102 0.22 16.68 19.51
CA ILE C 102 -1.20 16.39 19.43
C ILE C 102 -1.38 15.06 18.71
N ALA C 103 -1.94 14.07 19.41
CA ALA C 103 -2.11 12.72 18.89
C ALA C 103 -3.53 12.24 19.15
N TRP C 104 -4.10 11.56 18.16
CA TRP C 104 -5.41 10.92 18.29
C TRP C 104 -5.33 9.53 17.69
N ASN C 105 -5.98 8.57 18.34
CA ASN C 105 -5.98 7.21 17.82
C ASN C 105 -6.79 7.14 16.54
N SER C 106 -6.09 6.98 15.42
CA SER C 106 -6.68 7.00 14.09
C SER C 106 -6.56 5.64 13.44
N ASN C 107 -6.83 4.58 14.20
CA ASN C 107 -6.82 3.24 13.64
C ASN C 107 -7.82 3.10 12.50
N LYS C 108 -8.94 3.84 12.58
CA LYS C 108 -9.92 3.78 11.51
C LYS C 108 -9.37 4.41 10.22
N LEU C 109 -8.53 5.43 10.35
CA LEU C 109 -8.09 6.17 9.17
C LEU C 109 -6.81 5.57 8.57
N ASP C 110 -5.72 5.53 9.33
CA ASP C 110 -4.43 5.15 8.76
C ASP C 110 -4.00 3.73 9.02
N SER C 111 -4.66 3.00 9.92
CA SER C 111 -4.36 1.59 10.04
C SER C 111 -4.97 0.82 8.86
N LYS C 112 -4.50 -0.40 8.67
CA LYS C 112 -4.90 -1.20 7.52
C LYS C 112 -5.06 -2.65 7.94
N VAL C 113 -5.97 -3.36 7.26
CA VAL C 113 -6.02 -4.81 7.40
C VAL C 113 -4.68 -5.37 6.95
N GLY C 114 -3.96 -6.00 7.88
CA GLY C 114 -2.61 -6.44 7.64
C GLY C 114 -1.54 -5.42 7.94
N GLY C 115 -1.93 -4.18 8.29
CA GLY C 115 -0.97 -3.18 8.69
C GLY C 115 -0.61 -2.22 7.57
N ASN C 116 -0.37 -0.97 7.96
CA ASN C 116 0.09 0.08 7.06
C ASN C 116 1.59 0.24 7.25
N TYR C 117 2.37 -0.27 6.31
CA TYR C 117 3.81 -0.26 6.42
C TYR C 117 4.47 0.84 5.60
N ASN C 118 3.70 1.79 5.09
CA ASN C 118 4.30 2.95 4.44
C ASN C 118 4.94 3.88 5.47
N TYR C 119 4.74 3.60 6.75
CA TYR C 119 5.14 4.51 7.81
C TYR C 119 6.42 4.01 8.48
N LEU C 120 7.43 4.88 8.56
CA LEU C 120 8.75 4.49 9.01
C LEU C 120 9.28 5.48 10.04
N TYR C 121 10.36 5.08 10.71
CA TYR C 121 11.07 5.97 11.63
C TYR C 121 12.54 5.60 11.66
N ARG C 122 13.37 6.56 12.07
CA ARG C 122 14.82 6.42 12.06
C ARG C 122 15.27 5.91 13.42
N LEU C 123 15.84 4.70 13.44
CA LEU C 123 16.13 4.04 14.72
C LEU C 123 17.31 4.68 15.44
N PHE C 124 18.43 4.78 14.69
CA PHE C 124 19.71 5.25 15.27
C PHE C 124 20.62 6.04 14.32
N ARG C 125 21.01 7.26 14.69
CA ARG C 125 22.03 8.03 13.93
C ARG C 125 23.16 8.24 14.92
N LYS C 126 24.41 7.98 14.54
CA LYS C 126 25.53 7.99 15.53
C LYS C 126 25.68 9.39 16.16
N SER C 127 25.58 10.43 15.35
CA SER C 127 25.63 11.80 15.91
C SER C 127 24.31 12.00 16.61
N ASN C 128 24.32 12.24 17.93
CA ASN C 128 22.97 12.42 18.48
C ASN C 128 22.29 13.60 17.81
N LEU C 129 21.10 13.35 17.27
CA LEU C 129 20.47 14.29 16.36
C LEU C 129 20.30 15.65 17.01
N LYS C 130 20.82 16.68 16.35
CA LYS C 130 20.58 18.03 16.79
C LYS C 130 19.10 18.36 16.59
N PRO C 131 18.54 19.21 17.45
CA PRO C 131 17.10 19.48 17.35
C PRO C 131 16.76 20.20 16.06
N PHE C 132 15.56 19.90 15.53
CA PHE C 132 15.04 20.51 14.31
C PHE C 132 15.90 20.17 13.10
N GLU C 133 16.57 19.02 13.13
CA GLU C 133 17.43 18.58 12.04
C GLU C 133 16.93 17.25 11.50
N ARG C 134 16.75 17.18 10.19
CA ARG C 134 16.25 15.98 9.51
C ARG C 134 17.35 15.37 8.68
N ASP C 135 17.62 14.08 8.90
CA ASP C 135 18.58 13.32 8.10
C ASP C 135 17.80 12.25 7.34
N ILE C 136 17.66 12.45 6.03
CA ILE C 136 16.87 11.56 5.18
C ILE C 136 17.73 10.43 4.61
N SER C 137 19.05 10.60 4.61
CA SER C 137 19.94 9.69 3.91
C SER C 137 19.76 8.25 4.38
N THR C 138 19.80 7.31 3.45
CA THR C 138 19.63 5.89 3.79
C THR C 138 20.96 5.31 4.18
N GLU C 139 21.79 6.09 4.85
CA GLU C 139 23.15 5.57 5.10
C GLU C 139 23.03 4.33 5.97
N ILE C 140 23.81 3.31 5.68
CA ILE C 140 23.80 2.08 6.51
C ILE C 140 24.43 2.54 7.81
N TYR C 141 24.32 1.79 8.92
CA TYR C 141 24.73 2.44 10.19
C TYR C 141 26.15 2.99 10.05
N GLN C 142 26.37 4.23 10.49
CA GLN C 142 27.60 5.00 10.19
C GLN C 142 28.94 4.63 10.81
N ALA C 143 30.00 4.74 10.02
CA ALA C 143 31.37 4.65 10.57
C ALA C 143 31.64 3.38 11.34
N GLY C 144 32.16 3.55 12.56
CA GLY C 144 32.56 2.41 13.38
C GLY C 144 33.94 1.97 12.99
N ASN C 145 34.43 0.90 13.60
CA ASN C 145 35.78 0.38 13.28
C ASN C 145 35.80 -0.07 11.82
N LYS C 146 34.75 -0.72 11.35
CA LYS C 146 34.70 -1.19 9.97
C LYS C 146 33.36 -0.80 9.36
N PRO C 147 33.30 0.24 8.52
CA PRO C 147 32.03 0.52 7.83
C PRO C 147 31.61 -0.57 6.86
N CYS C 148 32.50 -0.94 5.93
CA CYS C 148 32.35 -2.06 5.01
C CYS C 148 31.32 -1.76 3.92
N ASN C 149 30.57 -0.66 4.10
CA ASN C 149 29.61 -0.11 3.13
C ASN C 149 28.48 -1.09 2.81
N GLY C 150 28.42 -2.25 3.45
CA GLY C 150 27.41 -3.24 3.13
C GLY C 150 26.98 -4.06 4.32
N VAL C 151 25.77 -4.60 4.28
CA VAL C 151 25.22 -5.33 5.42
C VAL C 151 25.65 -6.78 5.36
N ALA C 152 26.82 -7.08 5.92
CA ALA C 152 27.31 -8.45 6.06
C ALA C 152 27.71 -8.77 7.49
N GLY C 153 27.32 -7.93 8.45
CA GLY C 153 27.70 -8.14 9.84
C GLY C 153 27.01 -7.15 10.75
N PHE C 154 27.46 -7.17 12.00
CA PHE C 154 26.88 -6.32 13.04
C PHE C 154 27.25 -4.86 12.83
N ASN C 155 26.56 -3.98 13.55
CA ASN C 155 26.78 -2.54 13.67
C ASN C 155 26.52 -1.81 12.36
N CYS C 156 26.17 -2.51 11.28
CA CYS C 156 25.82 -1.87 10.01
C CYS C 156 24.36 -2.18 9.69
N TYR C 157 23.46 -1.35 10.21
CA TYR C 157 22.02 -1.55 10.04
C TYR C 157 21.45 -0.45 9.16
N PHE C 158 20.44 -0.81 8.38
CA PHE C 158 19.68 0.20 7.65
C PHE C 158 19.00 1.12 8.65
N PRO C 159 19.07 2.44 8.46
CA PRO C 159 18.57 3.36 9.49
C PRO C 159 17.07 3.29 9.70
N LEU C 160 16.34 2.57 8.86
CA LEU C 160 14.88 2.62 8.86
C LEU C 160 14.26 1.30 9.30
N ARG C 161 13.20 1.40 10.10
CA ARG C 161 12.34 0.30 10.48
C ARG C 161 10.90 0.81 10.48
N SER C 162 9.96 -0.09 10.24
CA SER C 162 8.54 0.27 10.15
C SER C 162 7.72 -0.52 11.15
N TYR C 163 6.73 0.15 11.74
CA TYR C 163 5.75 -0.48 12.61
C TYR C 163 4.48 -0.77 11.83
N GLY C 164 4.01 -2.02 11.91
CA GLY C 164 2.71 -2.35 11.37
C GLY C 164 1.61 -1.68 12.18
N PHE C 165 0.50 -1.39 11.51
CA PHE C 165 -0.62 -0.69 12.14
C PHE C 165 -1.90 -1.47 11.89
N ARG C 166 -2.30 -2.26 12.88
CA ARG C 166 -3.42 -3.18 12.75
C ARG C 166 -4.49 -2.86 13.77
N PRO C 167 -5.75 -3.16 13.47
CA PRO C 167 -6.81 -2.93 14.45
C PRO C 167 -6.64 -3.71 15.73
N THR C 168 -6.10 -4.93 15.64
CA THR C 168 -5.98 -5.79 16.82
C THR C 168 -4.88 -5.29 17.75
N TYR C 169 -4.04 -4.37 17.29
CA TYR C 169 -2.99 -3.83 18.13
C TYR C 169 -3.56 -3.05 19.31
N GLY C 170 -2.85 -3.10 20.43
CA GLY C 170 -3.30 -2.37 21.61
C GLY C 170 -3.17 -0.87 21.44
N VAL C 171 -3.86 -0.16 22.32
CA VAL C 171 -3.90 1.31 22.26
C VAL C 171 -2.48 1.88 22.34
N GLY C 172 -1.61 1.24 23.10
CA GLY C 172 -0.22 1.65 23.13
C GLY C 172 0.46 1.49 21.78
N HIS C 173 0.14 0.43 21.05
CA HIS C 173 0.72 0.21 19.73
C HIS C 173 -0.15 0.71 18.59
N GLN C 174 -1.32 1.28 18.90
CA GLN C 174 -2.22 1.78 17.87
C GLN C 174 -1.68 3.09 17.30
N PRO C 175 -2.12 3.48 16.10
CA PRO C 175 -1.48 4.60 15.42
C PRO C 175 -2.03 5.97 15.76
N TYR C 176 -1.10 6.92 15.94
CA TYR C 176 -1.44 8.29 16.28
C TYR C 176 -0.78 9.24 15.31
N ARG C 177 -1.59 10.10 14.70
CA ARG C 177 -1.10 11.14 13.79
C ARG C 177 -0.67 12.34 14.60
N VAL C 178 0.61 12.40 14.97
CA VAL C 178 1.14 13.48 15.80
C VAL C 178 1.66 14.57 14.87
N VAL C 179 1.26 15.80 15.14
CA VAL C 179 1.76 16.97 14.44
C VAL C 179 2.51 17.80 15.47
N VAL C 180 3.84 17.70 15.46
CA VAL C 180 4.64 18.38 16.47
C VAL C 180 4.85 19.81 16.01
N LEU C 181 3.88 20.66 16.27
CA LEU C 181 3.97 22.05 15.84
C LEU C 181 4.79 22.86 16.84
N SER C 182 5.85 23.48 16.34
CA SER C 182 6.76 24.26 17.16
C SER C 182 6.64 25.73 16.77
N PHE C 183 5.82 26.46 17.51
CA PHE C 183 5.57 27.87 17.26
C PHE C 183 6.80 28.67 17.67
N GLU C 184 7.25 29.55 16.77
CA GLU C 184 8.45 30.34 17.02
C GLU C 184 8.27 31.78 16.55
#